data_7B9M
#
_entry.id   7B9M
#
_cell.length_a   81.908
_cell.length_b   112.705
_cell.length_c   62.640
_cell.angle_alpha   90.000
_cell.angle_beta   90.000
_cell.angle_gamma   90.000
#
_symmetry.space_group_name_H-M   'C 2 2 21'
#
loop_
_entity.id
_entity.type
_entity.pdbx_description
1 polymer '14-3-3 protein sigma'
2 polymer 'Estrogen receptor'
3 non-polymer 'MAGNESIUM ION'
4 non-polymer 2-(2-cyanophenyl)sulfanyl-~{N}-(2-sulfanylethyl)benzamide
5 water water
#
loop_
_entity_poly.entity_id
_entity_poly.type
_entity_poly.pdbx_seq_one_letter_code
_entity_poly.pdbx_strand_id
1 'polypeptide(L)'
;GAMGSMERASLIQKAKLAEQAERYEDMAAFMKGAVEKGEELSNEERNLLCVAYKNVVGGQRAAWRVLSSIEQKSNEEGSE
EKGPEVREYREKVETELQGVCDTVLGLLDSHLIKEAGDAESRVFYLKMKGDYYRYLAEVATGDDKKRIIDSARSAYQEAM
DISKKEMPPTNPIRLGLALNFSVFHYEIANSPEEAISLAKTTFDEAMADLHTLSEDSYKDSTLIMQLLRDNLTLWT
;
A
2 'polypeptide(L)' AEGFPA(TPO)V B
#
# COMPACT_ATOMS: atom_id res chain seq x y z
N GLY A 1 -6.33 24.17 -3.71
CA GLY A 1 -5.39 23.25 -4.35
C GLY A 1 -5.16 23.63 -5.79
N ALA A 2 -3.95 23.38 -6.30
CA ALA A 2 -3.57 23.80 -7.64
C ALA A 2 -4.40 23.12 -8.73
N MET A 3 -5.10 22.04 -8.42
CA MET A 3 -5.92 21.36 -9.43
C MET A 3 -7.37 21.77 -9.36
N GLY A 4 -7.72 22.72 -8.48
CA GLY A 4 -9.12 23.09 -8.27
C GLY A 4 -9.79 23.63 -9.52
N SER A 5 -9.03 24.25 -10.41
CA SER A 5 -9.62 24.83 -11.63
C SER A 5 -9.70 23.85 -12.80
N MET A 6 -9.18 22.63 -12.68
CA MET A 6 -9.21 21.70 -13.79
C MET A 6 -10.36 20.72 -13.66
N GLU A 7 -11.01 20.42 -14.80
CA GLU A 7 -12.14 19.51 -14.82
C GLU A 7 -11.75 18.15 -14.28
N ARG A 8 -12.69 17.51 -13.56
CA ARG A 8 -12.43 16.16 -13.08
C ARG A 8 -12.05 15.23 -14.24
N ALA A 9 -12.76 15.30 -15.37
CA ALA A 9 -12.45 14.38 -16.45
C ALA A 9 -11.08 14.64 -17.03
N SER A 10 -10.68 15.92 -17.08
CA SER A 10 -9.36 16.26 -17.59
C SER A 10 -8.26 15.78 -16.65
N LEU A 11 -8.52 15.84 -15.34
CA LEU A 11 -7.55 15.32 -14.37
C LEU A 11 -7.36 13.81 -14.56
N ILE A 12 -8.46 13.07 -14.76
CA ILE A 12 -8.35 11.64 -14.98
C ILE A 12 -7.63 11.36 -16.30
N GLN A 13 -7.97 12.11 -17.34
CA GLN A 13 -7.27 11.95 -18.62
C GLN A 13 -5.77 12.18 -18.47
N LYS A 14 -5.38 13.24 -17.76
CA LYS A 14 -3.95 13.53 -17.62
C LYS A 14 -3.27 12.54 -16.67
N ALA A 15 -4.00 11.98 -15.70
CA ALA A 15 -3.40 10.94 -14.88
C ALA A 15 -2.99 9.75 -15.75
N LYS A 16 -3.84 9.38 -16.71
CA LYS A 16 -3.51 8.27 -17.60
C LYS A 16 -2.36 8.63 -18.53
N LEU A 17 -2.30 9.88 -19.00
CA LEU A 17 -1.14 10.32 -19.78
C LEU A 17 0.14 10.27 -18.95
N ALA A 18 0.07 10.77 -17.71
CA ALA A 18 1.24 10.74 -16.85
C ALA A 18 1.72 9.32 -16.62
N GLU A 19 0.78 8.38 -16.42
CA GLU A 19 1.19 6.98 -16.29
C GLU A 19 1.93 6.50 -17.54
N GLN A 20 1.43 6.85 -18.73
CA GLN A 20 2.11 6.43 -19.96
C GLN A 20 3.51 7.01 -20.04
N ALA A 21 3.70 8.22 -19.54
CA ALA A 21 4.99 8.89 -19.56
C ALA A 21 5.85 8.54 -18.37
N GLU A 22 5.38 7.64 -17.49
CA GLU A 22 6.08 7.28 -16.26
C GLU A 22 6.39 8.51 -15.39
N ARG A 23 5.44 9.44 -15.35
CA ARG A 23 5.55 10.65 -14.54
C ARG A 23 4.62 10.49 -13.34
N TYR A 24 5.08 9.69 -12.37
CA TYR A 24 4.17 9.25 -11.32
C TYR A 24 3.87 10.33 -10.29
N GLU A 25 4.80 11.26 -10.05
CA GLU A 25 4.47 12.40 -9.20
C GLU A 25 3.35 13.23 -9.80
N ASP A 26 3.44 13.54 -11.10
CA ASP A 26 2.32 14.19 -11.77
C ASP A 26 1.06 13.37 -11.66
N MET A 27 1.17 12.07 -11.90
CA MET A 27 0.00 11.20 -11.86
C MET A 27 -0.68 11.30 -10.49
N ALA A 28 0.12 11.31 -9.42
CA ALA A 28 -0.45 11.41 -8.08
C ALA A 28 -1.12 12.76 -7.85
N ALA A 29 -0.49 13.84 -8.31
CA ALA A 29 -1.09 15.15 -8.13
C ALA A 29 -2.40 15.26 -8.89
N PHE A 30 -2.49 14.66 -10.08
CA PHE A 30 -3.74 14.68 -10.84
C PHE A 30 -4.82 13.88 -10.12
N MET A 31 -4.47 12.69 -9.62
CA MET A 31 -5.46 11.87 -8.91
C MET A 31 -5.87 12.50 -7.59
N LYS A 32 -4.94 13.16 -6.89
CA LYS A 32 -5.32 13.91 -5.70
C LYS A 32 -6.34 14.99 -6.05
N GLY A 33 -6.08 15.72 -7.13
CA GLY A 33 -7.06 16.71 -7.57
C GLY A 33 -8.40 16.09 -7.90
N ALA A 34 -8.38 14.91 -8.54
CA ALA A 34 -9.63 14.24 -8.89
C ALA A 34 -10.40 13.83 -7.64
N VAL A 35 -9.72 13.24 -6.66
CA VAL A 35 -10.39 12.87 -5.41
C VAL A 35 -11.00 14.10 -4.77
N GLU A 36 -10.27 15.21 -4.74
CA GLU A 36 -10.76 16.40 -4.06
C GLU A 36 -11.96 17.04 -4.76
N LYS A 37 -12.33 16.60 -5.96
CA LYS A 37 -13.60 17.04 -6.53
C LYS A 37 -14.80 16.56 -5.70
N GLY A 38 -14.61 15.56 -4.86
CA GLY A 38 -15.64 15.16 -3.91
C GLY A 38 -16.55 14.03 -4.36
N GLU A 39 -16.49 13.63 -5.63
CA GLU A 39 -17.28 12.50 -6.11
C GLU A 39 -16.56 11.19 -5.79
N GLU A 40 -17.33 10.12 -5.66
CA GLU A 40 -16.74 8.79 -5.47
C GLU A 40 -15.93 8.40 -6.71
N LEU A 41 -15.01 7.46 -6.52
CA LEU A 41 -14.14 6.98 -7.61
C LEU A 41 -14.70 5.68 -8.17
N SER A 42 -14.59 5.53 -9.49
CA SER A 42 -14.92 4.26 -10.11
C SER A 42 -13.80 3.24 -9.87
N ASN A 43 -14.05 1.98 -10.28
CA ASN A 43 -13.03 0.94 -10.15
C ASN A 43 -11.75 1.35 -10.86
N GLU A 44 -11.87 1.84 -12.10
CA GLU A 44 -10.70 2.25 -12.86
C GLU A 44 -9.97 3.40 -12.18
N GLU A 45 -10.73 4.36 -11.65
CA GLU A 45 -10.12 5.51 -11.01
C GLU A 45 -9.43 5.12 -9.71
N ARG A 46 -9.99 4.17 -8.97
CA ARG A 46 -9.28 3.67 -7.79
C ARG A 46 -7.96 3.05 -8.18
N ASN A 47 -7.94 2.30 -9.30
CA ASN A 47 -6.68 1.72 -9.75
C ASN A 47 -5.65 2.81 -10.04
N LEU A 48 -6.07 3.91 -10.69
CA LEU A 48 -5.13 4.97 -11.01
C LEU A 48 -4.57 5.61 -9.75
N LEU A 49 -5.43 5.82 -8.74
CA LEU A 49 -4.96 6.34 -7.47
C LEU A 49 -3.92 5.41 -6.85
N CYS A 50 -4.23 4.10 -6.81
CA CYS A 50 -3.29 3.11 -6.29
C CYS A 50 -1.96 3.17 -7.03
N VAL A 51 -2.00 3.13 -8.36
CA VAL A 51 -0.77 3.08 -9.16
C VAL A 51 0.09 4.31 -8.88
N ALA A 52 -0.51 5.50 -8.87
CA ALA A 52 0.27 6.72 -8.74
C ALA A 52 1.04 6.75 -7.43
N TYR A 53 0.34 6.55 -6.31
CA TYR A 53 1.01 6.66 -5.02
C TYR A 53 1.91 5.46 -4.74
N LYS A 54 1.59 4.28 -5.30
CA LYS A 54 2.47 3.14 -5.11
C LYS A 54 3.85 3.43 -5.69
N ASN A 55 3.87 4.03 -6.89
CA ASN A 55 5.14 4.32 -7.53
C ASN A 55 5.87 5.44 -6.82
N VAL A 56 5.15 6.48 -6.39
CA VAL A 56 5.81 7.58 -5.70
C VAL A 56 6.39 7.11 -4.36
N VAL A 57 5.56 6.49 -3.53
CA VAL A 57 6.06 6.08 -2.22
C VAL A 57 7.03 4.91 -2.34
N GLY A 58 6.88 4.08 -3.37
CA GLY A 58 7.84 2.99 -3.58
C GLY A 58 9.25 3.50 -3.85
N GLY A 59 9.37 4.56 -4.66
CA GLY A 59 10.66 5.16 -4.87
C GLY A 59 11.23 5.79 -3.60
N GLN A 60 10.37 6.42 -2.80
CA GLN A 60 10.83 7.02 -1.55
C GLN A 60 11.31 5.96 -0.57
N ARG A 61 10.59 4.84 -0.48
CA ARG A 61 11.01 3.77 0.42
C ARG A 61 12.34 3.19 -0.02
N ALA A 62 12.51 2.96 -1.32
CA ALA A 62 13.77 2.44 -1.83
C ALA A 62 14.93 3.37 -1.47
N ALA A 63 14.72 4.68 -1.67
CA ALA A 63 15.77 5.64 -1.34
C ALA A 63 16.03 5.68 0.15
N TRP A 64 14.97 5.64 0.96
CA TRP A 64 15.13 5.66 2.41
C TRP A 64 15.94 4.45 2.88
N ARG A 65 15.71 3.28 2.26
CA ARG A 65 16.46 2.09 2.67
CA ARG A 65 16.45 2.09 2.66
C ARG A 65 17.93 2.20 2.31
N VAL A 66 18.25 2.78 1.16
CA VAL A 66 19.65 2.99 0.80
C VAL A 66 20.31 3.89 1.83
N LEU A 67 19.68 5.01 2.15
CA LEU A 67 20.27 5.97 3.08
C LEU A 67 20.35 5.40 4.49
N SER A 68 19.31 4.71 4.94
CA SER A 68 19.33 4.11 6.27
C SER A 68 20.47 3.10 6.40
N SER A 69 20.71 2.33 5.34
CA SER A 69 21.81 1.36 5.35
C SER A 69 23.16 2.06 5.48
N ILE A 70 23.34 3.14 4.71
CA ILE A 70 24.59 3.92 4.82
C ILE A 70 24.73 4.48 6.24
N GLU A 71 23.64 4.99 6.79
CA GLU A 71 23.65 5.54 8.13
C GLU A 71 24.01 4.48 9.17
N GLN A 72 23.43 3.29 9.04
CA GLN A 72 23.78 2.22 9.98
C GLN A 72 25.26 1.87 9.91
N LYS A 73 25.80 1.80 8.69
CA LYS A 73 27.23 1.48 8.54
C LYS A 73 28.11 2.57 9.15
N SER A 74 27.70 3.83 9.04
CA SER A 74 28.45 4.93 9.64
C SER A 74 28.45 4.86 11.15
N ASN A 75 27.45 4.22 11.75
CA ASN A 75 27.37 4.06 13.19
C ASN A 75 27.91 2.71 13.66
N GLU A 76 28.86 2.15 12.92
CA GLU A 76 29.54 0.92 13.30
C GLU A 76 30.90 1.25 13.90
N GLU A 77 31.43 0.30 14.67
CA GLU A 77 32.72 0.50 15.30
C GLU A 77 33.82 0.58 14.24
N GLY A 78 34.74 1.52 14.43
CA GLY A 78 35.80 1.72 13.47
C GLY A 78 35.40 2.51 12.24
N SER A 79 34.17 2.98 12.16
CA SER A 79 33.75 3.81 11.03
C SER A 79 34.16 5.26 11.28
N GLU A 80 34.67 5.91 10.24
CA GLU A 80 35.14 7.29 10.37
C GLU A 80 33.95 8.24 10.49
N GLU A 81 34.06 9.18 11.43
CA GLU A 81 33.01 10.19 11.63
C GLU A 81 32.92 11.07 10.39
N LYS A 82 31.74 11.10 9.77
CA LYS A 82 31.55 11.87 8.55
C LYS A 82 30.65 13.08 8.75
N GLY A 83 30.17 13.33 9.97
CA GLY A 83 29.33 14.47 10.25
C GLY A 83 27.85 14.14 10.20
N PRO A 84 27.00 15.17 10.28
CA PRO A 84 25.56 14.96 10.35
C PRO A 84 24.87 14.73 9.01
N GLU A 85 25.62 14.75 7.90
CA GLU A 85 24.99 14.85 6.59
C GLU A 85 24.15 13.62 6.25
N VAL A 86 24.62 12.43 6.60
CA VAL A 86 23.87 11.22 6.24
C VAL A 86 22.54 11.20 6.99
N ARG A 87 22.57 11.45 8.30
CA ARG A 87 21.34 11.53 9.07
C ARG A 87 20.41 12.63 8.53
N GLU A 88 20.97 13.81 8.23
CA GLU A 88 20.15 14.90 7.71
C GLU A 88 19.44 14.49 6.43
N TYR A 89 20.17 13.86 5.50
CA TYR A 89 19.57 13.55 4.21
C TYR A 89 18.58 12.40 4.33
N ARG A 90 18.90 11.41 5.18
CA ARG A 90 17.90 10.37 5.46
C ARG A 90 16.64 10.98 6.07
N GLU A 91 16.80 11.95 6.98
CA GLU A 91 15.63 12.60 7.57
CA GLU A 91 15.64 12.60 7.58
C GLU A 91 14.84 13.38 6.52
N LYS A 92 15.53 13.99 5.57
CA LYS A 92 14.84 14.74 4.52
C LYS A 92 13.96 13.81 3.69
N VAL A 93 14.53 12.69 3.24
CA VAL A 93 13.76 11.73 2.46
C VAL A 93 12.63 11.14 3.30
N GLU A 94 12.93 10.79 4.55
CA GLU A 94 11.91 10.27 5.47
C GLU A 94 10.76 11.25 5.63
N THR A 95 11.07 12.55 5.75
CA THR A 95 10.01 13.53 5.95
C THR A 95 9.13 13.65 4.70
N GLU A 96 9.72 13.59 3.51
CA GLU A 96 8.93 13.65 2.28
C GLU A 96 8.04 12.41 2.16
N LEU A 97 8.59 11.25 2.51
CA LEU A 97 7.81 10.00 2.53
C LEU A 97 6.62 10.11 3.48
N GLN A 98 6.86 10.59 4.70
CA GLN A 98 5.77 10.75 5.65
C GLN A 98 4.73 11.71 5.11
N GLY A 99 5.18 12.76 4.43
CA GLY A 99 4.24 13.70 3.82
C GLY A 99 3.34 13.03 2.80
N VAL A 100 3.89 12.18 1.94
CA VAL A 100 3.08 11.46 0.96
C VAL A 100 2.08 10.55 1.66
N CYS A 101 2.54 9.81 2.68
CA CYS A 101 1.64 8.92 3.40
C CYS A 101 0.51 9.70 4.06
N ASP A 102 0.84 10.82 4.70
CA ASP A 102 -0.19 11.65 5.34
C ASP A 102 -1.18 12.16 4.30
N THR A 103 -0.69 12.51 3.11
CA THR A 103 -1.58 12.95 2.04
C THR A 103 -2.57 11.85 1.65
N VAL A 104 -2.06 10.64 1.42
CA VAL A 104 -2.94 9.53 1.06
C VAL A 104 -3.94 9.25 2.18
N LEU A 105 -3.45 9.15 3.41
CA LEU A 105 -4.35 8.90 4.53
C LEU A 105 -5.38 10.02 4.66
N GLY A 106 -5.00 11.25 4.32
CA GLY A 106 -5.95 12.35 4.33
C GLY A 106 -7.04 12.20 3.30
N LEU A 107 -6.71 11.73 2.11
CA LEU A 107 -7.72 11.52 1.08
C LEU A 107 -8.67 10.41 1.50
N LEU A 108 -8.14 9.35 2.12
CA LEU A 108 -9.00 8.25 2.55
C LEU A 108 -9.94 8.71 3.66
N ASP A 109 -9.45 9.55 4.56
CA ASP A 109 -10.26 10.03 5.67
C ASP A 109 -11.20 11.16 5.28
N SER A 110 -10.91 11.87 4.18
CA SER A 110 -11.70 13.03 3.74
C SER A 110 -11.91 12.99 2.22
N HIS A 111 -12.89 12.21 1.75
CA HIS A 111 -13.84 11.43 2.54
C HIS A 111 -14.11 10.10 1.86
N LEU A 112 -13.05 9.48 1.31
CA LEU A 112 -13.23 8.29 0.47
C LEU A 112 -13.85 7.13 1.26
N ILE A 113 -13.32 6.83 2.44
CA ILE A 113 -13.78 5.65 3.17
C ILE A 113 -15.23 5.82 3.61
N LYS A 114 -15.58 6.97 4.18
CA LYS A 114 -16.92 7.09 4.74
C LYS A 114 -18.01 7.03 3.66
N GLU A 115 -17.68 7.35 2.41
CA GLU A 115 -18.67 7.24 1.35
C GLU A 115 -18.63 5.91 0.61
N ALA A 116 -17.70 5.02 0.94
CA ALA A 116 -17.57 3.75 0.22
C ALA A 116 -18.47 2.71 0.86
N GLY A 117 -19.52 2.32 0.14
CA GLY A 117 -20.50 1.38 0.68
C GLY A 117 -20.36 -0.03 0.13
N ASP A 118 -19.95 -0.14 -1.14
CA ASP A 118 -19.77 -1.44 -1.76
C ASP A 118 -18.50 -2.09 -1.26
N ALA A 119 -18.53 -3.42 -1.15
CA ALA A 119 -17.39 -4.13 -0.57
C ALA A 119 -16.12 -3.87 -1.35
N GLU A 120 -16.25 -3.79 -2.69
CA GLU A 120 -15.07 -3.64 -3.54
CA GLU A 120 -15.07 -3.64 -3.54
CA GLU A 120 -15.08 -3.64 -3.56
C GLU A 120 -14.35 -2.32 -3.28
N SER A 121 -15.11 -1.24 -3.09
CA SER A 121 -14.45 0.03 -2.80
C SER A 121 -14.01 0.10 -1.35
N ARG A 122 -14.86 -0.34 -0.42
CA ARG A 122 -14.52 -0.22 1.00
C ARG A 122 -13.29 -1.04 1.36
N VAL A 123 -13.21 -2.28 0.87
CA VAL A 123 -12.02 -3.10 1.15
C VAL A 123 -10.78 -2.48 0.50
N PHE A 124 -10.93 -1.97 -0.73
CA PHE A 124 -9.79 -1.32 -1.40
C PHE A 124 -9.25 -0.17 -0.57
N TYR A 125 -10.14 0.71 -0.09
CA TYR A 125 -9.68 1.88 0.64
C TYR A 125 -9.13 1.51 2.01
N LEU A 126 -9.75 0.54 2.68
CA LEU A 126 -9.24 0.19 4.00
C LEU A 126 -7.90 -0.54 3.91
N LYS A 127 -7.73 -1.37 2.86
CA LYS A 127 -6.41 -1.94 2.61
C LYS A 127 -5.39 -0.84 2.37
N MET A 128 -5.75 0.15 1.55
CA MET A 128 -4.85 1.27 1.30
C MET A 128 -4.48 2.00 2.59
N LYS A 129 -5.45 2.21 3.46
CA LYS A 129 -5.15 2.83 4.76
C LYS A 129 -4.15 1.99 5.54
N GLY A 130 -4.35 0.67 5.58
CA GLY A 130 -3.37 -0.19 6.22
C GLY A 130 -1.99 -0.09 5.57
N ASP A 131 -1.94 -0.03 4.25
CA ASP A 131 -0.67 0.06 3.55
C ASP A 131 0.10 1.32 3.94
N TYR A 132 -0.57 2.47 3.92
CA TYR A 132 0.18 3.71 4.14
C TYR A 132 0.49 3.95 5.62
N TYR A 133 -0.30 3.38 6.54
CA TYR A 133 0.19 3.30 7.92
C TYR A 133 1.37 2.35 8.02
N ARG A 134 1.39 1.27 7.23
CA ARG A 134 2.52 0.36 7.25
C ARG A 134 3.80 1.07 6.80
N TYR A 135 3.71 1.92 5.78
CA TYR A 135 4.91 2.64 5.35
C TYR A 135 5.36 3.64 6.41
N LEU A 136 4.41 4.28 7.10
CA LEU A 136 4.77 5.13 8.23
C LEU A 136 5.45 4.31 9.31
N ALA A 137 4.95 3.10 9.57
CA ALA A 137 5.56 2.25 10.58
C ALA A 137 6.98 1.85 10.22
N GLU A 138 7.27 1.70 8.92
CA GLU A 138 8.59 1.26 8.52
C GLU A 138 9.68 2.22 8.96
N VAL A 139 9.35 3.52 9.04
CA VAL A 139 10.32 4.55 9.41
C VAL A 139 10.11 5.08 10.82
N ALA A 140 9.12 4.57 11.55
CA ALA A 140 8.78 5.10 12.86
C ALA A 140 9.73 4.60 13.93
N THR A 141 10.10 5.50 14.86
CA THR A 141 10.94 5.15 16.01
C THR A 141 10.54 5.85 17.31
N GLY A 142 9.47 6.64 17.32
CA GLY A 142 9.14 7.50 18.44
C GLY A 142 8.06 6.95 19.37
N ASP A 143 7.47 7.86 20.15
CA ASP A 143 6.47 7.49 21.14
C ASP A 143 5.23 6.86 20.53
N ASP A 144 4.88 7.23 19.29
CA ASP A 144 3.66 6.77 18.65
C ASP A 144 3.87 5.60 17.70
N LYS A 145 5.06 4.97 17.72
CA LYS A 145 5.34 3.88 16.80
C LYS A 145 4.39 2.70 17.00
N LYS A 146 4.13 2.34 18.26
CA LYS A 146 3.18 1.26 18.50
C LYS A 146 1.78 1.64 18.02
N ARG A 147 1.41 2.91 18.19
CA ARG A 147 0.11 3.36 17.75
C ARG A 147 0.03 3.39 16.23
N ILE A 148 1.14 3.69 15.56
CA ILE A 148 1.14 3.65 14.09
C ILE A 148 0.95 2.23 13.61
N ILE A 149 1.69 1.28 14.20
CA ILE A 149 1.52 -0.14 13.89
C ILE A 149 0.08 -0.57 14.13
N ASP A 150 -0.51 -0.16 15.25
CA ASP A 150 -1.87 -0.60 15.51
C ASP A 150 -2.87 0.04 14.56
N SER A 151 -2.59 1.26 14.08
CA SER A 151 -3.46 1.86 13.08
C SER A 151 -3.45 1.05 11.78
N ALA A 152 -2.27 0.58 11.38
CA ALA A 152 -2.20 -0.29 10.22
C ALA A 152 -2.99 -1.57 10.46
N ARG A 153 -2.74 -2.23 11.59
CA ARG A 153 -3.42 -3.47 11.92
C ARG A 153 -4.94 -3.30 11.91
N SER A 154 -5.42 -2.22 12.51
CA SER A 154 -6.86 -2.02 12.63
C SER A 154 -7.51 -1.83 11.27
N ALA A 155 -6.88 -1.06 10.39
CA ALA A 155 -7.42 -0.87 9.05
C ALA A 155 -7.43 -2.18 8.29
N TYR A 156 -6.32 -2.91 8.32
CA TYR A 156 -6.25 -4.21 7.65
C TYR A 156 -7.33 -5.14 8.19
N GLN A 157 -7.50 -5.17 9.51
CA GLN A 157 -8.45 -6.11 10.11
C GLN A 157 -9.87 -5.81 9.67
N GLU A 158 -10.24 -4.52 9.63
CA GLU A 158 -11.58 -4.18 9.18
C GLU A 158 -11.78 -4.57 7.72
N ALA A 159 -10.75 -4.36 6.89
CA ALA A 159 -10.84 -4.78 5.49
C ALA A 159 -10.96 -6.30 5.38
N MET A 160 -10.23 -7.03 6.22
CA MET A 160 -10.30 -8.50 6.18
CA MET A 160 -10.30 -8.49 6.18
C MET A 160 -11.69 -8.98 6.55
N ASP A 161 -12.26 -8.41 7.62
CA ASP A 161 -13.59 -8.85 8.08
C ASP A 161 -14.62 -8.67 6.97
N ILE A 162 -14.60 -7.51 6.30
CA ILE A 162 -15.54 -7.27 5.20
C ILE A 162 -15.27 -8.22 4.05
N SER A 163 -13.99 -8.40 3.69
CA SER A 163 -13.66 -9.20 2.51
C SER A 163 -14.09 -10.66 2.72
N LYS A 164 -13.96 -11.16 3.94
CA LYS A 164 -14.36 -12.55 4.18
C LYS A 164 -15.87 -12.71 4.13
N LYS A 165 -16.62 -11.68 4.52
CA LYS A 165 -18.08 -11.76 4.49
C LYS A 165 -18.64 -11.53 3.10
N GLU A 166 -18.04 -10.62 2.33
CA GLU A 166 -18.70 -10.09 1.14
C GLU A 166 -18.08 -10.46 -0.19
N MET A 167 -16.90 -11.08 -0.21
CA MET A 167 -16.22 -11.40 -1.46
C MET A 167 -15.88 -12.87 -1.52
N PRO A 168 -15.84 -13.45 -2.71
CA PRO A 168 -15.35 -14.82 -2.86
C PRO A 168 -13.86 -14.90 -2.57
N PRO A 169 -13.35 -16.09 -2.25
CA PRO A 169 -11.92 -16.22 -1.89
C PRO A 169 -10.96 -15.92 -3.03
N THR A 170 -11.42 -15.88 -4.29
CA THR A 170 -10.56 -15.56 -5.42
C THR A 170 -10.60 -14.09 -5.80
N ASN A 171 -11.43 -13.28 -5.15
CA ASN A 171 -11.52 -11.88 -5.49
CA ASN A 171 -11.51 -11.87 -5.49
C ASN A 171 -10.14 -11.24 -5.42
N PRO A 172 -9.66 -10.58 -6.47
CA PRO A 172 -8.29 -10.04 -6.44
C PRO A 172 -8.07 -8.99 -5.36
N ILE A 173 -9.08 -8.19 -5.04
CA ILE A 173 -8.91 -7.22 -3.94
C ILE A 173 -8.73 -7.95 -2.63
N ARG A 174 -9.58 -8.95 -2.37
CA ARG A 174 -9.41 -9.78 -1.17
C ARG A 174 -8.02 -10.43 -1.13
N LEU A 175 -7.57 -10.98 -2.26
CA LEU A 175 -6.26 -11.63 -2.29
C LEU A 175 -5.15 -10.64 -2.04
N GLY A 176 -5.22 -9.46 -2.67
CA GLY A 176 -4.17 -8.48 -2.48
C GLY A 176 -4.13 -7.95 -1.06
N LEU A 177 -5.30 -7.82 -0.45
CA LEU A 177 -5.36 -7.42 0.96
C LEU A 177 -4.67 -8.46 1.84
N ALA A 178 -4.96 -9.74 1.61
CA ALA A 178 -4.35 -10.79 2.42
C ALA A 178 -2.84 -10.85 2.20
N LEU A 179 -2.41 -10.71 0.95
CA LEU A 179 -0.98 -10.63 0.66
C LEU A 179 -0.30 -9.56 1.50
N ASN A 180 -0.86 -8.34 1.50
CA ASN A 180 -0.19 -7.23 2.18
C ASN A 180 -0.32 -7.34 3.70
N PHE A 181 -1.46 -7.80 4.21
CA PHE A 181 -1.61 -7.99 5.65
C PHE A 181 -0.63 -9.06 6.15
N SER A 182 -0.44 -10.10 5.34
CA SER A 182 0.57 -11.10 5.66
C SER A 182 1.97 -10.48 5.74
N VAL A 183 2.30 -9.59 4.80
CA VAL A 183 3.59 -8.91 4.87
C VAL A 183 3.67 -8.01 6.09
N PHE A 184 2.56 -7.36 6.44
CA PHE A 184 2.51 -6.58 7.67
C PHE A 184 2.88 -7.44 8.88
N HIS A 185 2.28 -8.64 8.98
CA HIS A 185 2.61 -9.54 10.09
C HIS A 185 4.10 -9.87 10.11
N TYR A 186 4.67 -10.15 8.94
CA TYR A 186 6.05 -10.64 8.88
C TYR A 186 7.05 -9.52 9.16
N GLU A 187 6.87 -8.37 8.51
CA GLU A 187 7.89 -7.34 8.53
CA GLU A 187 7.86 -7.30 8.50
C GLU A 187 7.67 -6.27 9.59
N ILE A 188 6.43 -6.06 10.03
CA ILE A 188 6.09 -4.95 10.93
C ILE A 188 5.77 -5.46 12.32
N ALA A 189 4.90 -6.47 12.42
CA ALA A 189 4.35 -6.92 13.70
C ALA A 189 5.17 -8.03 14.35
N ASN A 190 6.29 -8.43 13.77
CA ASN A 190 7.14 -9.49 14.35
C ASN A 190 6.33 -10.78 14.57
N SER A 191 5.46 -11.10 13.61
CA SER A 191 4.60 -12.27 13.69
C SER A 191 4.73 -13.12 12.43
N PRO A 192 5.90 -13.72 12.21
CA PRO A 192 6.08 -14.53 10.99
C PRO A 192 5.14 -15.72 10.92
N GLU A 193 4.80 -16.34 12.04
CA GLU A 193 3.89 -17.48 11.97
C GLU A 193 2.50 -17.05 11.49
N GLU A 194 2.00 -15.92 11.99
CA GLU A 194 0.73 -15.40 11.49
C GLU A 194 0.84 -15.04 10.01
N ALA A 195 1.97 -14.48 9.60
CA ALA A 195 2.18 -14.14 8.20
C ALA A 195 2.09 -15.37 7.31
N ILE A 196 2.77 -16.44 7.71
CA ILE A 196 2.78 -17.67 6.92
C ILE A 196 1.41 -18.32 6.93
N SER A 197 0.75 -18.39 8.09
CA SER A 197 -0.57 -19.01 8.15
C SER A 197 -1.56 -18.27 7.26
N LEU A 198 -1.54 -16.93 7.31
CA LEU A 198 -2.47 -16.17 6.48
C LEU A 198 -2.21 -16.40 4.99
N ALA A 199 -0.94 -16.37 4.57
CA ALA A 199 -0.64 -16.54 3.16
C ALA A 199 -1.05 -17.93 2.68
N LYS A 200 -0.78 -18.96 3.49
CA LYS A 200 -1.12 -20.32 3.11
C LYS A 200 -2.63 -20.53 3.04
N THR A 201 -3.35 -20.13 4.09
CA THR A 201 -4.80 -20.29 4.09
C THR A 201 -5.44 -19.51 2.95
N THR A 202 -4.95 -18.30 2.69
CA THR A 202 -5.48 -17.52 1.57
C THR A 202 -5.25 -18.23 0.25
N PHE A 203 -4.04 -18.77 0.06
CA PHE A 203 -3.73 -19.48 -1.18
C PHE A 203 -4.62 -20.69 -1.36
N ASP A 204 -4.77 -21.50 -0.30
CA ASP A 204 -5.51 -22.75 -0.42
C ASP A 204 -6.99 -22.49 -0.67
N GLU A 205 -7.56 -21.47 -0.03
CA GLU A 205 -8.99 -21.22 -0.22
C GLU A 205 -9.26 -20.61 -1.59
N ALA A 206 -8.29 -19.86 -2.13
CA ALA A 206 -8.46 -19.39 -3.51
C ALA A 206 -8.34 -20.54 -4.51
N MET A 207 -7.36 -21.43 -4.30
CA MET A 207 -7.21 -22.60 -5.17
C MET A 207 -8.52 -23.35 -5.31
N ALA A 208 -9.22 -23.56 -4.19
CA ALA A 208 -10.45 -24.34 -4.21
C ALA A 208 -11.60 -23.64 -4.91
N ASP A 209 -11.49 -22.33 -5.17
CA ASP A 209 -12.55 -21.55 -5.81
C ASP A 209 -12.25 -21.24 -7.28
N LEU A 210 -11.04 -21.58 -7.77
CA LEU A 210 -10.68 -21.24 -9.15
C LEU A 210 -11.62 -21.87 -10.16
N HIS A 211 -12.22 -23.02 -9.83
CA HIS A 211 -13.03 -23.73 -10.81
C HIS A 211 -14.28 -22.95 -11.21
N THR A 212 -14.65 -21.92 -10.45
CA THR A 212 -15.84 -21.09 -10.71
C THR A 212 -15.56 -19.96 -11.70
N LEU A 213 -14.30 -19.72 -12.04
CA LEU A 213 -13.86 -18.51 -12.69
C LEU A 213 -13.76 -18.66 -14.20
N SER A 214 -13.98 -17.55 -14.90
CA SER A 214 -13.67 -17.47 -16.31
C SER A 214 -12.16 -17.42 -16.52
N GLU A 215 -11.75 -17.53 -17.80
CA GLU A 215 -10.33 -17.47 -18.11
C GLU A 215 -9.70 -16.16 -17.64
N ASP A 216 -10.40 -15.03 -17.86
CA ASP A 216 -9.81 -13.75 -17.51
C ASP A 216 -9.78 -13.53 -16.00
N SER A 217 -10.81 -13.97 -15.29
CA SER A 217 -10.78 -13.88 -13.83
C SER A 217 -9.73 -14.82 -13.25
N TYR A 218 -9.64 -16.02 -13.82
CA TYR A 218 -8.62 -16.97 -13.40
C TYR A 218 -7.22 -16.37 -13.51
N LYS A 219 -6.94 -15.63 -14.58
CA LYS A 219 -5.62 -15.03 -14.75
C LYS A 219 -5.32 -14.03 -13.63
N ASP A 220 -6.27 -13.17 -13.30
CA ASP A 220 -6.08 -12.20 -12.24
C ASP A 220 -5.83 -12.88 -10.90
N SER A 221 -6.64 -13.88 -10.58
CA SER A 221 -6.52 -14.51 -9.27
C SER A 221 -5.23 -15.31 -9.15
N THR A 222 -4.88 -16.07 -10.19
CA THR A 222 -3.66 -16.87 -10.09
C THR A 222 -2.42 -15.99 -10.06
N LEU A 223 -2.48 -14.81 -10.68
CA LEU A 223 -1.34 -13.90 -10.59
C LEU A 223 -1.04 -13.56 -9.14
N ILE A 224 -2.06 -13.19 -8.37
CA ILE A 224 -1.83 -12.83 -6.98
C ILE A 224 -1.54 -14.07 -6.14
N MET A 225 -2.14 -15.22 -6.49
CA MET A 225 -1.81 -16.45 -5.76
C MET A 225 -0.32 -16.76 -5.89
N GLN A 226 0.26 -16.48 -7.05
CA GLN A 226 1.70 -16.71 -7.21
C GLN A 226 2.52 -15.79 -6.33
N LEU A 227 2.04 -14.56 -6.11
CA LEU A 227 2.74 -13.66 -5.19
C LEU A 227 2.67 -14.20 -3.75
N LEU A 228 1.53 -14.76 -3.35
CA LEU A 228 1.46 -15.42 -2.05
C LEU A 228 2.47 -16.56 -1.97
N ARG A 229 2.52 -17.39 -3.02
CA ARG A 229 3.46 -18.51 -3.04
C ARG A 229 4.91 -18.03 -2.99
N ASP A 230 5.23 -16.97 -3.74
CA ASP A 230 6.58 -16.39 -3.72
C ASP A 230 6.97 -15.98 -2.32
N ASN A 231 6.07 -15.28 -1.61
CA ASN A 231 6.39 -14.88 -0.24
C ASN A 231 6.58 -16.08 0.66
N LEU A 232 5.70 -17.09 0.53
CA LEU A 232 5.85 -18.30 1.32
C LEU A 232 7.19 -18.97 1.05
N THR A 233 7.63 -18.96 -0.20
CA THR A 233 8.94 -19.54 -0.52
C THR A 233 10.07 -18.74 0.11
N LEU A 234 9.93 -17.41 0.17
CA LEU A 234 10.92 -16.59 0.86
C LEU A 234 10.99 -16.91 2.35
N TRP A 235 9.84 -17.23 2.94
CA TRP A 235 9.71 -17.31 4.39
C TRP A 235 9.85 -18.72 4.95
N THR A 236 9.96 -19.74 4.12
CA THR A 236 10.01 -21.12 4.59
C THR A 236 11.16 -21.91 3.95
N PHE B 4 12.92 -8.03 -0.68
CA PHE B 4 11.67 -7.70 0.00
C PHE B 4 10.51 -8.55 -0.51
N PRO B 5 9.48 -8.75 0.32
CA PRO B 5 8.34 -9.56 -0.10
C PRO B 5 7.39 -8.76 -1.00
N ALA B 6 6.56 -9.50 -1.73
CA ALA B 6 5.66 -8.90 -2.68
C ALA B 6 4.42 -8.30 -2.01
N VAL B 8 0.88 -5.56 -3.23
CA VAL B 8 0.18 -4.94 -4.35
C VAL B 8 -0.66 -3.75 -3.91
#